data_8RF6
#
_entry.id   8RF6
#
_cell.length_a   36.794
_cell.length_b   36.794
_cell.length_c   141.035
_cell.angle_alpha   90.00
_cell.angle_beta   90.00
_cell.angle_gamma   90.00
#
_symmetry.space_group_name_H-M   'P 43 21 2'
#
loop_
_entity.id
_entity.type
_entity.pdbx_description
1 polymer 'Host translation inhibitor nsp1'
2 non-polymer 6-iodanyl-2,3-dihydro-1,3-benzothiazol-2-amine
3 water water
#
_entity_poly.entity_id   1
_entity_poly.type   'polypeptide(L)'
_entity_poly.pdbx_seq_one_letter_code
;MEKTHVQLSLPVLQVRDVLVRGFGDSVEEVLSEARQHLKDGTCGLVEVEKGVLPQLEQPYVFIKRSDARTAPHGHVMVEL
VAELEGIQYGRSGETLGVLVPHVGEIPVAYRKVLLRKN
;
_entity_poly.pdbx_strand_id   A
#
# COMPACT_ATOMS: atom_id res chain seq x y z
N MET A 1 -0.50 -5.72 21.49
CA MET A 1 -0.65 -7.16 21.11
C MET A 1 -1.06 -7.36 19.65
N GLU A 2 -0.50 -6.54 18.77
CA GLU A 2 -0.80 -6.68 17.35
C GLU A 2 -0.20 -8.00 16.84
N LYS A 3 -1.02 -8.80 16.15
CA LYS A 3 -0.51 -9.96 15.44
C LYS A 3 0.52 -9.48 14.40
N THR A 4 1.44 -10.36 14.02
CA THR A 4 2.53 -9.99 13.09
C THR A 4 1.95 -9.73 11.71
N HIS A 5 0.85 -10.39 11.36
CA HIS A 5 0.24 -10.23 10.03
C HIS A 5 -1.26 -10.07 10.18
N VAL A 6 -1.87 -9.33 9.26
CA VAL A 6 -3.33 -9.09 9.28
C VAL A 6 -3.89 -9.33 7.87
N GLN A 7 -4.99 -10.05 7.79
CA GLN A 7 -5.68 -10.29 6.51
C GLN A 7 -6.52 -9.07 6.20
N LEU A 8 -6.31 -8.48 5.02
CA LEU A 8 -7.05 -7.28 4.61
C LEU A 8 -7.51 -7.44 3.17
N SER A 9 -8.67 -6.88 2.83
CA SER A 9 -9.11 -6.77 1.44
C SER A 9 -9.05 -5.29 1.10
N LEU A 10 -8.12 -4.91 0.22
CA LEU A 10 -7.89 -3.49 -0.09
C LEU A 10 -8.64 -3.09 -1.35
N PRO A 11 -9.34 -1.96 -1.33
CA PRO A 11 -9.99 -1.48 -2.56
C PRO A 11 -8.96 -0.98 -3.55
N VAL A 12 -9.09 -1.41 -4.79
CA VAL A 12 -8.20 -1.02 -5.88
C VAL A 12 -8.83 0.18 -6.57
N LEU A 13 -8.11 1.28 -6.63
CA LEU A 13 -8.61 2.54 -7.16
C LEU A 13 -7.91 2.86 -8.47
N GLN A 14 -8.63 3.51 -9.39
N GLN A 14 -8.63 3.51 -9.39
CA GLN A 14 -8.02 4.06 -10.58
CA GLN A 14 -8.02 4.05 -10.58
C GLN A 14 -7.32 5.37 -10.23
C GLN A 14 -7.33 5.37 -10.24
N VAL A 15 -6.14 5.58 -10.80
CA VAL A 15 -5.32 6.70 -10.41
C VAL A 15 -6.06 8.03 -10.56
N ARG A 16 -6.82 8.21 -11.67
CA ARG A 16 -7.47 9.49 -11.88
C ARG A 16 -8.62 9.78 -10.93
N ASP A 17 -9.08 8.78 -10.18
CA ASP A 17 -10.10 9.01 -9.17
C ASP A 17 -9.54 9.44 -7.82
N VAL A 18 -8.25 9.23 -7.57
CA VAL A 18 -7.72 9.39 -6.22
C VAL A 18 -7.70 10.85 -5.85
N LEU A 19 -8.31 11.16 -4.70
CA LEU A 19 -8.40 12.53 -4.27
C LEU A 19 -7.21 12.96 -3.44
N VAL A 20 -6.66 12.09 -2.62
CA VAL A 20 -5.53 12.38 -1.75
C VAL A 20 -4.39 11.50 -2.21
N ARG A 21 -3.40 12.09 -2.87
CA ARG A 21 -2.47 11.35 -3.72
C ARG A 21 -1.23 10.83 -3.04
N GLY A 22 -1.18 10.88 -1.74
CA GLY A 22 -0.12 10.27 -0.97
C GLY A 22 -0.42 10.48 0.49
N PHE A 23 0.49 10.02 1.35
CA PHE A 23 0.30 9.96 2.79
C PHE A 23 1.07 11.05 3.54
N GLY A 24 1.91 11.83 2.88
CA GLY A 24 2.71 12.77 3.67
C GLY A 24 3.97 13.21 2.99
N ASP A 25 4.89 13.76 3.80
CA ASP A 25 6.03 14.51 3.24
C ASP A 25 7.39 13.93 3.53
N SER A 26 7.47 12.81 4.21
CA SER A 26 8.76 12.18 4.54
C SER A 26 8.56 10.67 4.52
N VAL A 27 9.64 9.94 4.34
CA VAL A 27 9.54 8.48 4.37
C VAL A 27 8.90 8.00 5.67
N GLU A 28 9.35 8.51 6.82
CA GLU A 28 8.82 8.02 8.07
CA GLU A 28 8.83 8.03 8.09
C GLU A 28 7.34 8.35 8.22
N GLU A 29 6.94 9.52 7.77
CA GLU A 29 5.53 9.94 7.89
C GLU A 29 4.66 9.06 6.99
N VAL A 30 5.08 8.82 5.76
CA VAL A 30 4.19 8.09 4.82
C VAL A 30 4.04 6.64 5.30
N LEU A 31 5.07 6.01 5.86
CA LEU A 31 4.94 4.66 6.39
C LEU A 31 4.01 4.65 7.59
N SER A 32 4.14 5.63 8.47
CA SER A 32 3.30 5.74 9.66
C SER A 32 1.84 5.93 9.28
N GLU A 33 1.57 6.89 8.40
CA GLU A 33 0.21 7.18 7.98
CA GLU A 33 0.21 7.18 7.98
C GLU A 33 -0.39 6.00 7.23
N ALA A 34 0.41 5.33 6.36
CA ALA A 34 -0.11 4.16 5.67
C ALA A 34 -0.58 3.13 6.67
N ARG A 35 0.29 2.88 7.66
CA ARG A 35 -0.08 1.81 8.66
CA ARG A 35 -0.08 1.81 8.66
C ARG A 35 -1.36 2.22 9.47
N GLN A 36 -1.51 3.52 9.77
CA GLN A 36 -2.71 3.94 10.49
C GLN A 36 -3.95 3.80 9.61
N HIS A 37 -3.84 4.20 8.35
CA HIS A 37 -4.99 4.10 7.44
C HIS A 37 -5.33 2.61 7.24
N LEU A 38 -4.35 1.75 7.15
CA LEU A 38 -4.61 0.30 7.05
C LEU A 38 -5.40 -0.18 8.26
N LYS A 39 -5.03 0.28 9.46
CA LYS A 39 -5.72 -0.13 10.67
CA LYS A 39 -5.74 -0.18 10.63
C LYS A 39 -7.16 0.39 10.70
N ASP A 40 -7.41 1.58 10.14
CA ASP A 40 -8.71 2.23 10.15
C ASP A 40 -9.61 1.83 8.99
N GLY A 41 -9.08 1.06 8.04
CA GLY A 41 -9.85 0.68 6.90
C GLY A 41 -10.03 1.76 5.89
N THR A 42 -9.10 2.70 5.84
CA THR A 42 -9.17 3.85 4.95
C THR A 42 -7.95 3.94 4.04
N CYS A 43 -7.52 2.78 3.51
CA CYS A 43 -6.37 2.73 2.62
C CYS A 43 -6.79 2.01 1.34
N GLY A 44 -6.44 2.61 0.20
CA GLY A 44 -6.64 2.00 -1.10
C GLY A 44 -5.31 1.63 -1.77
N LEU A 45 -5.44 0.97 -2.90
CA LEU A 45 -4.29 0.47 -3.65
CA LEU A 45 -4.29 0.49 -3.66
C LEU A 45 -4.47 0.89 -5.11
N VAL A 46 -3.43 1.46 -5.70
CA VAL A 46 -3.39 1.76 -7.12
C VAL A 46 -2.38 0.82 -7.79
N GLU A 47 -2.81 0.08 -8.80
CA GLU A 47 -1.91 -0.77 -9.56
C GLU A 47 -1.02 0.09 -10.43
N VAL A 48 0.28 -0.25 -10.45
CA VAL A 48 1.28 0.54 -11.17
C VAL A 48 1.33 0.13 -12.63
N GLU A 49 1.09 1.10 -13.50
CA GLU A 49 1.26 0.99 -14.95
C GLU A 49 1.97 2.26 -15.41
N LYS A 50 2.36 2.31 -16.67
CA LYS A 50 2.94 3.53 -17.21
C LYS A 50 2.00 4.70 -16.94
N GLY A 51 2.57 5.81 -16.43
CA GLY A 51 1.82 7.01 -16.16
C GLY A 51 1.31 7.14 -14.75
N VAL A 52 1.32 6.07 -13.96
CA VAL A 52 0.67 6.15 -12.65
C VAL A 52 1.51 6.94 -11.66
N LEU A 53 2.78 6.56 -11.49
CA LEU A 53 3.56 7.20 -10.42
C LEU A 53 3.67 8.71 -10.62
N PRO A 54 3.87 9.22 -11.84
CA PRO A 54 3.91 10.68 -12.01
C PRO A 54 2.63 11.38 -11.65
N GLN A 55 1.52 10.67 -11.54
CA GLN A 55 0.25 11.27 -11.13
C GLN A 55 0.01 11.14 -9.63
N LEU A 56 0.94 10.56 -8.89
CA LEU A 56 0.83 10.44 -7.45
C LEU A 56 1.95 11.24 -6.80
N GLU A 57 1.90 11.39 -5.49
CA GLU A 57 2.85 12.25 -4.77
C GLU A 57 3.89 11.45 -4.02
N GLN A 58 5.15 11.85 -4.14
CA GLN A 58 6.25 11.24 -3.36
C GLN A 58 6.27 11.84 -1.95
N PRO A 59 6.83 11.17 -0.94
CA PRO A 59 7.26 9.77 -1.03
C PRO A 59 6.14 8.78 -1.30
N TYR A 60 6.41 7.73 -2.06
CA TYR A 60 5.45 6.67 -2.32
C TYR A 60 5.54 5.57 -1.25
N VAL A 61 4.42 4.89 -0.98
CA VAL A 61 4.39 3.67 -0.19
C VAL A 61 3.92 2.55 -1.10
N PHE A 62 4.77 1.56 -1.30
CA PHE A 62 4.43 0.37 -2.05
C PHE A 62 4.12 -0.79 -1.11
N ILE A 63 3.25 -1.69 -1.60
CA ILE A 63 3.10 -3.01 -0.92
C ILE A 63 3.83 -3.96 -1.88
N LYS A 64 4.75 -4.73 -1.33
CA LYS A 64 5.57 -5.66 -2.13
C LYS A 64 5.44 -7.07 -1.56
N ARG A 65 5.55 -8.05 -2.43
CA ARG A 65 5.39 -9.47 -2.01
C ARG A 65 6.56 -9.87 -1.10
N SER A 66 6.25 -10.47 0.04
CA SER A 66 7.27 -10.79 1.05
C SER A 66 7.70 -12.27 0.99
N ASP A 67 6.93 -13.16 0.39
CA ASP A 67 7.41 -14.58 0.27
C ASP A 67 6.81 -15.32 -0.93
N ALA A 68 7.05 -16.63 -1.07
CA ALA A 68 6.63 -17.42 -2.27
C ALA A 68 5.64 -18.52 -1.96
N ARG A 69 5.56 -18.94 -0.71
CA ARG A 69 4.57 -19.96 -0.27
C ARG A 69 3.28 -19.58 0.49
N THR A 70 3.33 -18.41 1.11
CA THR A 70 2.20 -17.98 1.95
C THR A 70 1.16 -17.24 1.16
N ALA A 71 0.06 -17.90 0.86
CA ALA A 71 -1.09 -17.24 0.24
C ALA A 71 -2.20 -17.75 1.13
N PRO A 72 -2.01 -17.64 2.45
CA PRO A 72 -2.91 -18.27 3.36
C PRO A 72 -4.25 -17.70 3.13
N HIS A 73 -5.24 -18.58 2.98
CA HIS A 73 -6.65 -18.15 2.88
C HIS A 73 -6.84 -17.26 1.65
N GLY A 74 -6.00 -17.39 0.62
CA GLY A 74 -6.14 -16.63 -0.62
C GLY A 74 -5.55 -15.21 -0.55
N HIS A 75 -4.83 -14.86 0.51
CA HIS A 75 -4.22 -13.53 0.72
C HIS A 75 -2.70 -13.55 0.49
N VAL A 76 -2.20 -12.76 -0.45
CA VAL A 76 -0.73 -12.68 -0.76
C VAL A 76 -0.02 -12.00 0.42
N MET A 77 1.03 -12.63 0.94
CA MET A 77 1.82 -11.99 2.03
CA MET A 77 1.82 -11.99 2.03
C MET A 77 2.63 -10.79 1.47
N VAL A 78 2.48 -9.64 2.13
CA VAL A 78 3.13 -8.39 1.62
C VAL A 78 3.73 -7.60 2.77
N GLU A 79 4.61 -6.67 2.41
CA GLU A 79 5.17 -5.73 3.40
CA GLU A 79 5.21 -5.74 3.40
C GLU A 79 5.29 -4.32 2.75
N LEU A 80 5.44 -3.31 3.60
CA LEU A 80 5.52 -1.91 3.10
C LEU A 80 6.95 -1.49 2.80
N VAL A 81 7.15 -0.76 1.71
CA VAL A 81 8.44 -0.18 1.33
C VAL A 81 8.18 1.21 0.80
N ALA A 82 8.86 2.20 1.30
CA ALA A 82 8.71 3.58 0.84
C ALA A 82 9.80 3.92 -0.18
N GLU A 83 9.51 4.92 -1.00
CA GLU A 83 10.44 5.40 -2.00
C GLU A 83 10.41 6.92 -2.05
N LEU A 84 11.60 7.52 -2.07
CA LEU A 84 11.73 8.96 -2.23
C LEU A 84 12.96 9.26 -3.05
N GLU A 85 12.77 10.01 -4.14
CA GLU A 85 13.89 10.44 -5.01
C GLU A 85 14.76 9.25 -5.43
N GLY A 86 14.09 8.14 -5.75
CA GLY A 86 14.74 6.98 -6.31
C GLY A 86 15.40 6.07 -5.31
N ILE A 87 15.27 6.32 -4.01
CA ILE A 87 15.88 5.49 -2.98
C ILE A 87 14.73 4.81 -2.24
N GLN A 88 14.89 3.51 -1.99
CA GLN A 88 13.89 2.70 -1.33
C GLN A 88 14.33 2.40 0.08
N TYR A 89 13.34 2.31 0.94
CA TYR A 89 13.52 2.16 2.39
C TYR A 89 12.79 0.88 2.70
N GLY A 90 13.56 -0.21 2.77
CA GLY A 90 13.05 -1.56 2.70
C GLY A 90 13.58 -2.27 1.46
N ARG A 91 13.66 -3.60 1.49
CA ARG A 91 13.93 -4.39 0.30
C ARG A 91 12.93 -5.55 0.35
N SER A 92 12.25 -5.81 -0.75
CA SER A 92 11.19 -6.84 -0.73
C SER A 92 11.01 -7.36 -2.16
N GLY A 93 9.93 -8.08 -2.41
CA GLY A 93 9.68 -8.67 -3.73
C GLY A 93 8.91 -7.75 -4.65
N GLU A 94 8.17 -8.37 -5.54
CA GLU A 94 7.43 -7.61 -6.59
C GLU A 94 6.36 -6.68 -6.01
N THR A 95 6.21 -5.53 -6.62
CA THR A 95 5.20 -4.54 -6.21
C THR A 95 3.82 -5.01 -6.60
N LEU A 96 2.87 -4.97 -5.68
CA LEU A 96 1.44 -5.23 -5.98
C LEU A 96 0.77 -3.90 -6.32
N GLY A 97 1.26 -2.78 -5.76
CA GLY A 97 0.67 -1.49 -6.05
C GLY A 97 1.23 -0.45 -5.10
N VAL A 98 0.71 0.76 -5.28
CA VAL A 98 1.04 1.90 -4.45
CA VAL A 98 1.04 1.92 -4.45
C VAL A 98 -0.16 2.19 -3.56
N LEU A 99 0.09 2.37 -2.27
CA LEU A 99 -1.00 2.66 -1.35
C LEU A 99 -1.30 4.15 -1.30
N VAL A 100 -2.58 4.49 -1.15
CA VAL A 100 -3.02 5.87 -1.01
C VAL A 100 -4.15 5.92 -0.01
N PRO A 101 -4.43 7.06 0.59
CA PRO A 101 -5.66 7.20 1.37
C PRO A 101 -6.87 6.86 0.51
N HIS A 102 -7.87 6.27 1.16
CA HIS A 102 -9.17 6.04 0.56
C HIS A 102 -10.16 6.95 1.26
N VAL A 103 -10.81 7.81 0.50
CA VAL A 103 -11.76 8.77 1.05
C VAL A 103 -13.11 8.65 0.35
N GLY A 104 -13.50 7.44 -0.03
CA GLY A 104 -14.80 7.20 -0.59
C GLY A 104 -14.84 6.97 -2.08
N GLU A 105 -13.70 6.96 -2.78
CA GLU A 105 -13.70 6.66 -4.20
C GLU A 105 -14.21 5.23 -4.45
N ILE A 106 -14.84 5.04 -5.61
CA ILE A 106 -15.39 3.75 -5.97
C ILE A 106 -14.30 2.86 -6.55
N PRO A 107 -14.06 1.71 -5.95
CA PRO A 107 -13.01 0.83 -6.45
C PRO A 107 -13.45 0.06 -7.67
N VAL A 108 -12.45 -0.52 -8.34
CA VAL A 108 -12.65 -1.37 -9.49
C VAL A 108 -12.50 -2.86 -9.17
N ALA A 109 -11.97 -3.18 -7.98
CA ALA A 109 -11.70 -4.55 -7.54
C ALA A 109 -11.19 -4.44 -6.12
N TYR A 110 -10.97 -5.62 -5.53
CA TYR A 110 -10.36 -5.76 -4.20
C TYR A 110 -9.16 -6.67 -4.32
N ARG A 111 -8.12 -6.34 -3.58
CA ARG A 111 -6.88 -7.10 -3.55
C ARG A 111 -6.74 -7.67 -2.15
N LYS A 112 -6.75 -8.99 -2.03
CA LYS A 112 -6.62 -9.68 -0.75
C LYS A 112 -5.15 -9.81 -0.38
N VAL A 113 -4.78 -9.29 0.78
CA VAL A 113 -3.34 -9.33 1.21
C VAL A 113 -3.24 -9.77 2.67
N LEU A 114 -2.09 -10.32 3.01
CA LEU A 114 -1.76 -10.68 4.41
C LEU A 114 -0.60 -9.73 4.72
N LEU A 115 -0.89 -8.66 5.42
CA LEU A 115 0.09 -7.57 5.62
C LEU A 115 0.95 -7.76 6.86
N ARG A 116 2.25 -7.66 6.66
CA ARG A 116 3.20 -7.70 7.81
C ARG A 116 3.10 -6.36 8.54
N LYS A 117 2.69 -6.40 9.80
CA LYS A 117 2.61 -5.18 10.66
C LYS A 117 4.02 -4.98 11.20
N ASN A 118 4.90 -4.36 10.42
CA ASN A 118 6.31 -4.05 10.81
C ASN A 118 7.19 -5.31 10.71
#